data_4BGY
#
_entry.id   4BGY
#
_cell.length_a   101.403
_cell.length_b   101.403
_cell.length_c   449.997
_cell.angle_alpha   90.00
_cell.angle_beta   90.00
_cell.angle_gamma   120.00
#
_symmetry.space_group_name_H-M   'H 3 2'
#
loop_
_entity.id
_entity.type
_entity.pdbx_description
1 polymer HEMAGGLUTININ
2 polymer HEMAGGLUTININ
3 branched 2-acetamido-2-deoxy-beta-D-glucopyranose-(1-4)-2-acetamido-2-deoxy-beta-D-glucopyranose
4 branched 'N-acetyl-alpha-neuraminic acid-(2-3)-beta-D-galactopyranose-(1-4)-2-acetamido-2-deoxy-beta-D-glucopyranose'
5 non-polymer '4-(2-HYDROXYETHYL)-1-PIPERAZINE ETHANESULFONIC ACID'
6 water water
#
loop_
_entity_poly.entity_id
_entity_poly.type
_entity_poly.pdbx_seq_one_letter_code
_entity_poly.pdbx_strand_id
1 'polypeptide(L)'
;DQICIGYHANNSTEQVDTIMEKNVTVTHAQDILEKTHNGKLCDLDGVKPLILRDCSVAGWLLGNPMCDEFINVPEWSYIV
EKANPVNDLCYPGDFNDYEELKHLLSRINHFEKIQIIPKSSWSSHEASLGVSSACPYQGKSSFFRNVVWLIKKNSTYPTI
KRSYNNTNQEDLLVLWGIHHPNDAAEQTKLYQNPTTYISVGTSTLNQRLVPRIATRSKVNGQSGRMEFFWTILKPNDAIN
FESNGNFIAPEYAYKIVKKGDSTIMKSELEYGNCNTKCQTPMGAINSSMPFHNIHPLTIGECPKYVKSNRLVLATGLRNS
PQRETR
;
A
2 'polypeptide(L)'
;GLFGAIAGFIEGGWQGMVDGWYGYHHSNEQGSGYAADKESTQKAIDGVTNKVNSIIDKMNTQFEAVGREFNNLERRIENL
NKKMEDGFLDVWTYNAELLVLMENERTLDFHDSNVKNLYDKVRLQLRDNAKELGNGCFEFYHKCDNECMESVRNGTYDYP
QYSEEA
;
B
#
# COMPACT_ATOMS: atom_id res chain seq x y z
N ASP A 1 -31.58 17.64 -52.19
CA ASP A 1 -30.20 17.28 -51.75
C ASP A 1 -29.80 18.04 -50.50
N GLN A 2 -29.17 17.33 -49.56
CA GLN A 2 -28.72 17.95 -48.32
C GLN A 2 -27.51 17.30 -47.69
N ILE A 3 -26.79 18.10 -46.90
CA ILE A 3 -25.70 17.59 -46.08
C ILE A 3 -25.95 17.96 -44.64
N CYS A 4 -25.68 17.02 -43.73
CA CYS A 4 -25.94 17.24 -42.32
C CYS A 4 -24.69 17.07 -41.52
N ILE A 5 -24.62 17.78 -40.41
CA ILE A 5 -23.56 17.56 -39.44
C ILE A 5 -24.16 16.81 -38.28
N GLY A 6 -23.45 15.77 -37.85
CA GLY A 6 -23.86 14.98 -36.71
C GLY A 6 -22.69 14.36 -35.98
N TYR A 7 -23.02 13.53 -35.00
CA TYR A 7 -22.04 12.94 -34.13
C TYR A 7 -22.32 11.46 -33.85
N HIS A 8 -21.30 10.78 -33.35
CA HIS A 8 -21.31 9.33 -33.13
C HIS A 8 -22.28 8.88 -32.06
N ALA A 9 -22.92 7.73 -32.29
CA ALA A 9 -23.68 7.06 -31.25
C ALA A 9 -23.35 5.58 -31.34
N ASN A 10 -23.68 4.83 -30.29
CA ASN A 10 -23.37 3.43 -30.24
C ASN A 10 -24.22 2.74 -29.18
N ASN A 11 -24.02 1.44 -28.97
CA ASN A 11 -24.87 0.68 -28.06
C ASN A 11 -24.33 0.62 -26.61
N SER A 12 -23.34 1.45 -26.31
CA SER A 12 -22.73 1.48 -24.98
C SER A 12 -23.71 1.89 -23.88
N THR A 13 -23.62 1.24 -22.73
CA THR A 13 -24.43 1.58 -21.57
C THR A 13 -23.61 2.29 -20.49
N GLU A 14 -22.32 2.48 -20.73
CA GLU A 14 -21.46 3.06 -19.70
C GLU A 14 -21.93 4.45 -19.29
N GLN A 15 -21.87 4.72 -17.99
CA GLN A 15 -22.38 5.96 -17.42
C GLN A 15 -21.28 6.66 -16.64
N VAL A 16 -21.29 7.98 -16.65
CA VAL A 16 -20.35 8.76 -15.88
C VAL A 16 -21.13 9.80 -15.14
N ASP A 17 -20.59 10.27 -14.03
CA ASP A 17 -21.18 11.37 -13.29
C ASP A 17 -20.49 12.69 -13.59
N THR A 18 -21.26 13.75 -13.55
CA THR A 18 -20.78 15.12 -13.58
C THR A 18 -21.38 15.84 -12.39
N ILE A 19 -21.13 17.14 -12.28
CA ILE A 19 -21.57 17.94 -11.15
C ILE A 19 -23.07 18.20 -11.19
N MET A 20 -23.61 18.44 -12.38
CA MET A 20 -25.02 18.78 -12.52
C MET A 20 -25.89 17.58 -12.85
N GLU A 21 -25.28 16.47 -13.26
CA GLU A 21 -26.06 15.33 -13.70
C GLU A 21 -25.31 14.03 -13.44
N LYS A 22 -26.07 13.06 -12.93
CA LYS A 22 -25.53 11.77 -12.57
C LYS A 22 -25.97 10.70 -13.54
N ASN A 23 -25.20 9.64 -13.63
CA ASN A 23 -25.58 8.50 -14.46
C ASN A 23 -25.83 8.87 -15.93
N VAL A 24 -24.98 9.72 -16.49
CA VAL A 24 -25.05 10.07 -17.92
C VAL A 24 -24.42 8.98 -18.80
N THR A 25 -25.16 8.48 -19.77
CA THR A 25 -24.67 7.41 -20.63
C THR A 25 -23.78 7.97 -21.74
N VAL A 26 -22.59 7.40 -21.91
CA VAL A 26 -21.62 7.92 -22.87
C VAL A 26 -21.19 6.83 -23.80
N THR A 27 -20.71 7.21 -24.98
CA THR A 27 -20.29 6.26 -25.99
C THR A 27 -19.03 5.52 -25.56
N HIS A 28 -18.12 6.24 -24.94
CA HIS A 28 -16.86 5.67 -24.45
C HIS A 28 -16.47 6.24 -23.11
N ALA A 29 -15.77 5.45 -22.32
CA ALA A 29 -15.36 5.87 -20.98
C ALA A 29 -14.15 5.06 -20.55
N GLN A 30 -13.56 5.45 -19.43
CA GLN A 30 -12.39 4.76 -18.94
C GLN A 30 -12.42 4.65 -17.43
N ASP A 31 -12.52 3.42 -16.96
CA ASP A 31 -12.43 3.13 -15.54
C ASP A 31 -10.96 3.22 -15.11
N ILE A 32 -10.71 3.93 -14.01
CA ILE A 32 -9.33 4.14 -13.54
C ILE A 32 -9.12 3.64 -12.10
N LEU A 33 -10.12 2.95 -11.56
CA LEU A 33 -10.06 2.45 -10.20
C LEU A 33 -10.02 0.93 -10.21
N GLU A 34 -9.01 0.37 -9.55
CA GLU A 34 -8.90 -1.07 -9.45
C GLU A 34 -9.69 -1.56 -8.25
N LYS A 35 -10.72 -2.37 -8.51
CA LYS A 35 -11.62 -2.84 -7.46
C LYS A 35 -11.35 -4.29 -7.00
N THR A 36 -10.42 -4.99 -7.66
CA THR A 36 -10.20 -6.41 -7.33
C THR A 36 -8.78 -6.76 -6.90
N HIS A 37 -8.69 -7.81 -6.10
CA HIS A 37 -7.43 -8.38 -5.62
C HIS A 37 -7.57 -9.90 -5.63
N ASN A 38 -6.44 -10.61 -5.62
CA ASN A 38 -6.49 -12.08 -5.68
C ASN A 38 -6.91 -12.74 -4.36
N GLY A 39 -6.76 -12.04 -3.25
CA GLY A 39 -7.22 -12.53 -1.94
C GLY A 39 -6.17 -13.28 -1.15
N LYS A 40 -4.91 -13.17 -1.59
CA LYS A 40 -3.81 -13.96 -1.07
C LYS A 40 -2.57 -13.15 -0.77
N LEU A 41 -1.87 -13.53 0.29
CA LEU A 41 -0.51 -13.06 0.52
C LEU A 41 0.39 -13.76 -0.49
N CYS A 42 1.34 -13.01 -1.05
CA CYS A 42 2.07 -13.43 -2.23
C CYS A 42 3.53 -13.04 -2.10
N ASP A 43 4.40 -13.72 -2.86
CA ASP A 43 5.79 -13.28 -2.99
C ASP A 43 5.81 -11.89 -3.63
N LEU A 44 6.79 -11.08 -3.28
CA LEU A 44 6.87 -9.71 -3.80
C LEU A 44 8.09 -9.50 -4.68
N ASP A 45 7.87 -9.42 -5.98
CA ASP A 45 8.97 -9.38 -6.94
C ASP A 45 9.72 -10.71 -6.89
N GLY A 46 8.97 -11.79 -6.68
CA GLY A 46 9.54 -13.14 -6.54
C GLY A 46 10.11 -13.47 -5.17
N VAL A 47 10.23 -12.47 -4.31
CA VAL A 47 10.88 -12.61 -2.99
C VAL A 47 9.84 -12.89 -1.91
N LYS A 48 10.00 -14.01 -1.21
CA LYS A 48 8.98 -14.46 -0.27
C LYS A 48 8.88 -13.53 0.93
N PRO A 49 7.65 -13.26 1.40
CA PRO A 49 7.50 -12.57 2.67
C PRO A 49 7.90 -13.48 3.80
N LEU A 50 8.41 -12.90 4.88
CA LEU A 50 8.58 -13.62 6.11
C LEU A 50 7.24 -13.72 6.80
N ILE A 51 6.65 -14.91 6.84
CA ILE A 51 5.35 -15.07 7.50
C ILE A 51 5.53 -15.72 8.87
N LEU A 52 5.25 -14.96 9.91
CA LEU A 52 5.40 -15.43 11.27
C LEU A 52 4.33 -16.43 11.66
N ARG A 53 3.18 -16.39 11.00
CA ARG A 53 2.10 -17.30 11.33
C ARG A 53 1.67 -16.98 12.78
N ASP A 54 1.58 -17.99 13.65
CA ASP A 54 1.19 -17.76 15.04
C ASP A 54 2.24 -17.04 15.89
N CYS A 55 3.51 -17.09 15.49
CA CYS A 55 4.56 -16.37 16.23
C CYS A 55 4.52 -14.83 16.02
N SER A 56 5.20 -14.10 16.91
CA SER A 56 5.28 -12.65 16.87
C SER A 56 6.72 -12.15 16.82
N VAL A 57 6.92 -10.91 16.41
CA VAL A 57 8.26 -10.39 16.24
C VAL A 57 9.09 -10.70 17.50
N ALA A 58 8.46 -10.57 18.66
CA ALA A 58 9.11 -10.92 19.92
C ALA A 58 9.42 -12.42 20.01
N GLY A 59 8.39 -13.25 19.85
CA GLY A 59 8.56 -14.70 19.83
C GLY A 59 9.72 -15.10 18.95
N TRP A 60 9.75 -14.57 17.73
CA TRP A 60 10.80 -14.86 16.76
C TRP A 60 12.17 -14.40 17.26
N LEU A 61 12.30 -13.14 17.64
CA LEU A 61 13.61 -12.57 17.94
C LEU A 61 14.27 -13.04 19.24
N LEU A 62 13.47 -13.25 20.28
CA LEU A 62 13.98 -13.88 21.50
C LEU A 62 14.23 -15.37 21.29
N GLY A 63 13.54 -15.96 20.31
CA GLY A 63 13.65 -17.38 20.04
C GLY A 63 12.75 -18.19 20.96
N ASN A 64 11.47 -17.85 21.00
CA ASN A 64 10.48 -18.67 21.66
C ASN A 64 10.64 -20.10 21.12
N PRO A 65 10.59 -21.11 22.01
CA PRO A 65 10.78 -22.51 21.59
C PRO A 65 9.77 -23.00 20.54
N MET A 66 8.56 -22.46 20.56
CA MET A 66 7.54 -22.85 19.57
C MET A 66 7.61 -22.01 18.30
N CYS A 67 8.64 -21.18 18.18
CA CYS A 67 8.91 -20.41 16.97
C CYS A 67 10.19 -20.93 16.33
N ASP A 68 10.36 -22.25 16.39
CA ASP A 68 11.55 -22.92 15.87
C ASP A 68 11.63 -22.82 14.36
N GLU A 69 10.47 -22.74 13.71
CA GLU A 69 10.41 -22.51 12.26
C GLU A 69 11.29 -21.34 11.84
N PHE A 70 11.40 -20.34 12.71
CA PHE A 70 11.98 -19.05 12.34
C PHE A 70 13.41 -18.82 12.82
N ILE A 71 14.14 -19.88 13.15
CA ILE A 71 15.59 -19.76 13.30
C ILE A 71 16.18 -19.54 11.91
N ASN A 72 17.24 -18.73 11.84
CA ASN A 72 17.93 -18.42 10.56
C ASN A 72 17.06 -18.21 9.32
N VAL A 73 15.93 -17.50 9.48
CA VAL A 73 15.04 -17.21 8.35
C VAL A 73 15.78 -16.45 7.25
N PRO A 74 15.52 -16.81 5.98
CA PRO A 74 16.20 -16.11 4.88
C PRO A 74 15.67 -14.70 4.67
N GLU A 75 16.35 -13.96 3.81
CA GLU A 75 15.91 -12.65 3.33
C GLU A 75 14.42 -12.62 3.01
N TRP A 76 13.75 -11.53 3.41
CA TRP A 76 12.32 -11.36 3.19
C TRP A 76 12.03 -10.06 2.45
N SER A 77 10.87 -10.00 1.82
CA SER A 77 10.44 -8.81 1.10
C SER A 77 9.66 -7.93 2.07
N TYR A 78 8.73 -8.57 2.78
CA TYR A 78 7.99 -7.93 3.85
C TYR A 78 7.66 -9.00 4.90
N ILE A 79 7.24 -8.56 6.08
CA ILE A 79 6.90 -9.46 7.18
C ILE A 79 5.40 -9.43 7.42
N VAL A 80 4.83 -10.57 7.80
CA VAL A 80 3.39 -10.67 8.08
C VAL A 80 3.18 -11.23 9.48
N GLU A 81 2.45 -10.47 10.30
CA GLU A 81 2.21 -10.81 11.69
C GLU A 81 0.71 -10.70 11.91
N LYS A 82 0.15 -11.66 12.63
CA LYS A 82 -1.25 -11.61 13.01
C LYS A 82 -1.56 -10.49 14.02
N ALA A 83 -2.85 -10.25 14.24
CA ALA A 83 -3.31 -9.25 15.21
C ALA A 83 -3.06 -9.68 16.67
N ASN A 84 -3.30 -10.96 16.97
CA ASN A 84 -3.09 -11.50 18.32
C ASN A 84 -2.37 -12.86 18.29
N PRO A 85 -1.11 -12.85 17.86
CA PRO A 85 -0.37 -14.11 17.75
C PRO A 85 -0.26 -14.82 19.10
N VAL A 86 -0.56 -16.11 19.15
CA VAL A 86 -0.56 -16.84 20.43
C VAL A 86 0.84 -17.01 21.01
N ASN A 87 1.82 -17.35 20.17
CA ASN A 87 3.19 -17.61 20.61
C ASN A 87 4.00 -16.32 20.64
N ASP A 88 3.77 -15.54 21.70
CA ASP A 88 4.48 -14.29 21.93
C ASP A 88 5.52 -14.51 23.04
N LEU A 89 5.53 -13.64 24.04
CA LEU A 89 6.28 -13.84 25.29
C LEU A 89 5.67 -14.97 26.10
N CYS A 90 6.22 -16.17 25.92
CA CYS A 90 5.72 -17.37 26.61
C CYS A 90 5.87 -17.23 28.13
N TYR A 91 7.06 -16.82 28.58
CA TYR A 91 7.25 -16.41 29.97
C TYR A 91 6.85 -14.95 30.08
N PRO A 92 5.83 -14.64 30.90
CA PRO A 92 5.26 -13.29 30.87
C PRO A 92 6.28 -12.20 31.16
N GLY A 93 6.03 -11.01 30.64
CA GLY A 93 6.90 -9.87 30.90
C GLY A 93 6.58 -8.66 30.04
N ASP A 94 7.65 -7.95 29.65
CA ASP A 94 7.56 -6.82 28.73
C ASP A 94 8.75 -6.89 27.80
N PHE A 95 8.62 -6.25 26.65
CA PHE A 95 9.71 -6.11 25.72
C PHE A 95 9.91 -4.60 25.58
N ASN A 96 11.00 -4.12 26.15
CA ASN A 96 11.27 -2.69 26.23
C ASN A 96 11.49 -2.07 24.85
N ASP A 97 10.88 -0.91 24.63
CA ASP A 97 10.94 -0.18 23.36
C ASP A 97 10.63 -1.09 22.16
N TYR A 98 9.59 -1.91 22.31
CA TYR A 98 9.22 -2.91 21.32
C TYR A 98 8.82 -2.29 19.99
N GLU A 99 8.07 -1.20 20.07
CA GLU A 99 7.51 -0.55 18.89
C GLU A 99 8.60 0.17 18.12
N GLU A 100 9.56 0.75 18.84
CA GLU A 100 10.71 1.38 18.20
C GLU A 100 11.55 0.34 17.49
N LEU A 101 11.56 -0.87 18.03
CA LEU A 101 12.32 -1.96 17.42
C LEU A 101 11.59 -2.46 16.18
N LYS A 102 10.29 -2.70 16.31
CA LYS A 102 9.47 -3.08 15.17
C LYS A 102 9.61 -2.08 14.03
N HIS A 103 9.65 -0.80 14.39
CA HIS A 103 9.87 0.23 13.39
C HIS A 103 11.23 0.08 12.70
N LEU A 104 12.23 -0.33 13.46
CA LEU A 104 13.56 -0.54 12.90
C LEU A 104 13.53 -1.62 11.81
N LEU A 105 12.69 -2.63 12.02
CA LEU A 105 12.54 -3.77 11.10
C LEU A 105 11.94 -3.40 9.77
N SER A 106 11.17 -2.33 9.73
CA SER A 106 10.64 -1.86 8.46
C SER A 106 11.77 -1.41 7.51
N ARG A 107 12.95 -1.18 8.06
CA ARG A 107 14.16 -0.84 7.28
C ARG A 107 15.08 -2.06 7.03
N ILE A 108 14.65 -3.26 7.43
CA ILE A 108 15.50 -4.44 7.37
C ILE A 108 14.89 -5.58 6.56
N ASN A 109 15.69 -6.18 5.68
CA ASN A 109 15.26 -7.31 4.87
C ASN A 109 15.88 -8.65 5.25
N HIS A 110 17.02 -8.63 5.95
CA HIS A 110 17.68 -9.88 6.33
C HIS A 110 18.55 -9.77 7.58
N PHE A 111 18.35 -10.72 8.48
CA PHE A 111 19.21 -10.90 9.65
C PHE A 111 20.06 -12.14 9.41
N GLU A 112 21.29 -12.12 9.92
CA GLU A 112 22.13 -13.33 9.96
C GLU A 112 22.50 -13.55 11.42
N LYS A 113 21.94 -14.61 12.02
CA LYS A 113 22.13 -14.90 13.45
C LYS A 113 23.54 -15.41 13.75
N ILE A 114 24.22 -14.81 14.72
CA ILE A 114 25.50 -15.36 15.18
C ILE A 114 25.65 -15.39 16.71
N GLN A 115 26.45 -16.34 17.18
CA GLN A 115 26.65 -16.57 18.59
C GLN A 115 27.76 -15.65 19.12
N ILE A 116 27.42 -14.80 20.09
CA ILE A 116 28.42 -13.88 20.67
C ILE A 116 28.94 -14.38 22.02
N ILE A 117 28.08 -15.00 22.81
CA ILE A 117 28.51 -15.63 24.05
C ILE A 117 28.03 -17.08 24.08
N PRO A 118 28.97 -18.04 23.99
CA PRO A 118 28.62 -19.46 24.05
C PRO A 118 28.04 -19.90 25.39
N LYS A 119 27.05 -20.79 25.31
CA LYS A 119 26.39 -21.29 26.51
C LYS A 119 27.40 -22.07 27.34
N SER A 120 28.30 -22.78 26.66
CA SER A 120 29.36 -23.53 27.33
C SER A 120 30.19 -22.63 28.22
N SER A 121 30.43 -21.40 27.78
CA SER A 121 31.37 -20.51 28.45
C SER A 121 31.03 -20.15 29.91
N TRP A 122 29.79 -20.34 30.35
CA TRP A 122 29.40 -19.96 31.71
C TRP A 122 29.84 -21.01 32.73
N SER A 123 31.15 -21.09 32.95
CA SER A 123 31.74 -22.15 33.76
C SER A 123 31.41 -21.99 35.24
N SER A 124 31.37 -20.76 35.73
CA SER A 124 31.16 -20.49 37.16
C SER A 124 29.69 -20.36 37.56
N HIS A 125 28.79 -20.48 36.58
CA HIS A 125 27.35 -20.43 36.84
C HIS A 125 26.67 -21.60 36.15
N GLU A 126 25.49 -21.96 36.64
CA GLU A 126 24.69 -22.99 35.98
C GLU A 126 23.92 -22.33 34.84
N ALA A 127 24.06 -22.87 33.64
CA ALA A 127 23.45 -22.28 32.45
C ALA A 127 22.37 -23.15 31.80
N SER A 128 22.14 -24.35 32.33
CA SER A 128 21.28 -25.32 31.67
C SER A 128 20.03 -25.71 32.47
N LEU A 129 19.82 -25.04 33.60
CA LEU A 129 18.61 -25.25 34.38
C LEU A 129 17.71 -24.02 34.29
N GLY A 130 18.05 -23.09 33.41
CA GLY A 130 17.30 -21.85 33.22
C GLY A 130 16.09 -22.00 32.31
N VAL A 131 15.05 -22.65 32.83
CA VAL A 131 13.85 -22.93 32.05
C VAL A 131 12.58 -22.75 32.89
N SER A 132 11.44 -22.75 32.22
CA SER A 132 10.14 -22.60 32.89
C SER A 132 9.06 -23.41 32.19
N SER A 133 8.01 -23.71 32.95
CA SER A 133 6.89 -24.47 32.42
C SER A 133 6.06 -23.62 31.44
N ALA A 134 6.17 -22.30 31.55
CA ALA A 134 5.44 -21.37 30.66
C ALA A 134 5.89 -21.43 29.20
N CYS A 135 7.20 -21.53 28.96
CA CYS A 135 7.74 -21.79 27.62
C CYS A 135 8.10 -23.27 27.48
N PRO A 136 7.16 -24.11 27.04
CA PRO A 136 7.36 -25.55 26.88
C PRO A 136 7.68 -26.03 25.45
N TYR A 137 8.69 -26.88 25.32
CA TYR A 137 9.06 -27.46 24.05
C TYR A 137 9.03 -28.97 24.13
N GLN A 138 8.28 -29.61 23.24
CA GLN A 138 8.20 -31.07 23.16
C GLN A 138 7.85 -31.73 24.51
N GLY A 139 6.95 -31.10 25.24
CA GLY A 139 6.45 -31.65 26.51
C GLY A 139 7.36 -31.36 27.69
N LYS A 140 8.51 -30.74 27.42
CA LYS A 140 9.51 -30.49 28.44
C LYS A 140 9.71 -29.00 28.59
N SER A 141 9.87 -28.55 29.83
CA SER A 141 10.12 -27.14 30.11
C SER A 141 11.38 -26.66 29.38
N SER A 142 11.24 -25.62 28.58
CA SER A 142 12.34 -25.03 27.81
C SER A 142 12.34 -23.52 28.08
N PHE A 143 12.96 -22.74 27.19
CA PHE A 143 13.02 -21.27 27.36
C PHE A 143 13.39 -20.58 26.04
N PHE A 144 13.16 -19.27 25.96
CA PHE A 144 13.65 -18.47 24.84
C PHE A 144 15.06 -18.93 24.44
N ARG A 145 15.21 -19.47 23.24
CA ARG A 145 16.46 -20.08 22.80
C ARG A 145 17.65 -19.15 22.63
N ASN A 146 17.43 -17.86 22.37
CA ASN A 146 18.54 -16.97 22.03
C ASN A 146 19.24 -16.35 23.22
N VAL A 147 18.65 -16.51 24.41
CA VAL A 147 19.20 -15.94 25.64
C VAL A 147 19.27 -16.99 26.75
N VAL A 148 20.34 -16.94 27.54
CA VAL A 148 20.57 -17.94 28.59
C VAL A 148 20.13 -17.39 29.97
N TRP A 149 19.23 -18.11 30.63
CA TRP A 149 18.78 -17.75 31.98
C TRP A 149 19.74 -18.34 33.03
N LEU A 150 20.74 -17.56 33.42
CA LEU A 150 21.79 -18.03 34.33
C LEU A 150 21.31 -18.07 35.77
N ILE A 151 21.63 -19.17 36.46
CA ILE A 151 21.36 -19.34 37.90
C ILE A 151 22.64 -19.72 38.67
N LYS A 152 22.55 -19.69 40.00
CA LYS A 152 23.70 -19.96 40.89
C LYS A 152 24.21 -21.40 40.80
N LYS A 153 25.50 -21.59 41.06
CA LYS A 153 26.13 -22.92 41.11
C LYS A 153 26.82 -23.16 42.46
N ASN A 154 26.46 -24.28 43.12
CA ASN A 154 26.89 -24.58 44.50
C ASN A 154 26.58 -23.41 45.45
N SER A 155 25.35 -22.89 45.32
CA SER A 155 24.83 -21.84 46.19
C SER A 155 25.54 -20.48 46.03
N THR A 156 26.22 -20.23 44.93
CA THR A 156 26.95 -18.96 44.77
C THR A 156 26.82 -18.41 43.36
N TYR A 157 26.50 -17.12 43.27
CA TYR A 157 26.45 -16.39 42.00
C TYR A 157 27.57 -15.36 42.03
N PRO A 158 28.74 -15.70 41.48
CA PRO A 158 29.82 -14.73 41.41
C PRO A 158 29.56 -13.68 40.33
N THR A 159 30.09 -12.48 40.55
CA THR A 159 29.87 -11.40 39.60
C THR A 159 30.28 -11.87 38.20
N ILE A 160 29.39 -11.64 37.25
CA ILE A 160 29.63 -11.85 35.83
C ILE A 160 30.23 -10.58 35.27
N LYS A 161 31.34 -10.70 34.53
CA LYS A 161 31.95 -9.57 33.83
C LYS A 161 32.31 -10.01 32.42
N ARG A 162 31.45 -9.67 31.47
CA ARG A 162 31.61 -10.14 30.10
C ARG A 162 31.52 -9.01 29.10
N SER A 163 32.21 -9.21 27.97
CA SER A 163 32.40 -8.17 26.99
C SER A 163 32.46 -8.78 25.59
N TYR A 164 31.64 -8.27 24.68
CA TYR A 164 31.73 -8.66 23.26
C TYR A 164 32.07 -7.47 22.37
N ASN A 165 33.07 -7.66 21.52
CA ASN A 165 33.51 -6.65 20.56
C ASN A 165 32.96 -7.00 19.16
N ASN A 166 32.23 -6.06 18.57
CA ASN A 166 31.69 -6.27 17.23
C ASN A 166 32.74 -6.07 16.14
N THR A 167 33.40 -7.17 15.77
CA THR A 167 34.42 -7.14 14.72
C THR A 167 33.82 -7.26 13.32
N ASN A 168 32.54 -7.62 13.23
CA ASN A 168 31.82 -7.66 11.96
C ASN A 168 31.71 -6.26 11.35
N GLN A 169 31.54 -6.20 10.03
CA GLN A 169 31.34 -4.91 9.37
C GLN A 169 29.93 -4.32 9.67
N GLU A 170 29.01 -5.16 10.12
CA GLU A 170 27.60 -4.80 10.29
C GLU A 170 27.23 -4.19 11.66
N ASP A 171 26.03 -3.62 11.73
CA ASP A 171 25.40 -3.29 12.99
C ASP A 171 24.91 -4.63 13.54
N LEU A 172 24.97 -4.79 14.86
CA LEU A 172 24.51 -5.99 15.52
C LEU A 172 23.36 -5.66 16.46
N LEU A 173 22.28 -6.41 16.34
CA LEU A 173 21.17 -6.33 17.26
C LEU A 173 21.43 -7.30 18.40
N VAL A 174 21.70 -6.76 19.58
CA VAL A 174 21.94 -7.55 20.76
C VAL A 174 20.68 -7.51 21.62
N LEU A 175 20.29 -8.66 22.15
CA LEU A 175 19.15 -8.79 23.05
C LEU A 175 19.59 -9.36 24.40
N TRP A 176 18.99 -8.87 25.49
CA TRP A 176 19.17 -9.45 26.82
C TRP A 176 17.96 -9.17 27.71
N GLY A 177 18.00 -9.67 28.94
CA GLY A 177 16.90 -9.47 29.88
C GLY A 177 17.27 -9.51 31.36
N ILE A 178 16.31 -9.08 32.18
CA ILE A 178 16.40 -9.12 33.64
C ILE A 178 15.22 -9.95 34.11
N HIS A 179 15.40 -10.71 35.19
CA HIS A 179 14.29 -11.44 35.76
C HIS A 179 13.82 -10.82 37.07
N HIS A 180 12.51 -10.62 37.16
CA HIS A 180 11.90 -10.11 38.37
C HIS A 180 11.29 -11.28 39.15
N PRO A 181 11.82 -11.57 40.34
CA PRO A 181 11.35 -12.69 41.15
C PRO A 181 10.08 -12.34 41.92
N ASN A 182 9.34 -13.37 42.33
CA ASN A 182 8.09 -13.18 43.08
C ASN A 182 8.29 -12.58 44.47
N ASP A 183 9.31 -13.08 45.18
CA ASP A 183 9.55 -12.71 46.58
C ASP A 183 11.04 -12.83 46.96
N ALA A 184 11.39 -12.32 48.14
CA ALA A 184 12.77 -12.32 48.63
C ALA A 184 13.36 -13.73 48.69
N ALA A 185 12.56 -14.70 49.13
CA ALA A 185 12.99 -16.08 49.20
C ALA A 185 13.32 -16.61 47.81
N GLU A 186 12.50 -16.25 46.83
CA GLU A 186 12.72 -16.65 45.45
C GLU A 186 14.01 -16.06 44.89
N GLN A 187 14.29 -14.81 45.23
CA GLN A 187 15.53 -14.15 44.80
C GLN A 187 16.78 -14.87 45.32
N THR A 188 16.78 -15.13 46.63
CA THR A 188 17.93 -15.79 47.26
C THR A 188 18.08 -17.20 46.70
N LYS A 189 16.95 -17.90 46.61
CA LYS A 189 16.93 -19.26 46.10
C LYS A 189 17.57 -19.38 44.71
N LEU A 190 17.20 -18.46 43.82
CA LEU A 190 17.66 -18.54 42.44
C LEU A 190 19.08 -18.03 42.25
N TYR A 191 19.43 -16.97 42.96
CA TYR A 191 20.66 -16.24 42.68
C TYR A 191 21.56 -16.05 43.91
N GLN A 192 21.13 -16.57 45.06
CA GLN A 192 21.82 -16.38 46.34
C GLN A 192 21.78 -14.92 46.86
N ASN A 193 22.40 -14.01 46.12
CA ASN A 193 22.53 -12.61 46.58
C ASN A 193 21.15 -11.95 46.63
N PRO A 194 20.89 -11.11 47.65
CA PRO A 194 19.59 -10.48 47.77
C PRO A 194 19.49 -9.17 46.97
N THR A 195 20.55 -8.38 46.92
CA THR A 195 20.55 -7.12 46.20
C THR A 195 21.40 -7.28 44.93
N THR A 196 20.75 -7.20 43.76
CA THR A 196 21.43 -7.46 42.49
C THR A 196 21.24 -6.35 41.47
N TYR A 197 21.95 -6.46 40.35
CA TYR A 197 21.95 -5.46 39.31
C TYR A 197 22.54 -6.02 38.02
N ILE A 198 22.22 -5.39 36.89
CA ILE A 198 22.89 -5.67 35.62
C ILE A 198 23.33 -4.37 34.97
N SER A 199 24.63 -4.13 34.94
CA SER A 199 25.16 -2.97 34.23
C SER A 199 25.55 -3.36 32.80
N VAL A 200 24.96 -2.67 31.83
CA VAL A 200 25.28 -2.85 30.43
C VAL A 200 25.86 -1.55 29.90
N GLY A 201 26.89 -1.63 29.06
CA GLY A 201 27.54 -0.44 28.54
C GLY A 201 28.09 -0.64 27.14
N THR A 202 27.88 0.35 26.28
CA THR A 202 28.54 0.43 24.98
C THR A 202 29.14 1.82 24.90
N SER A 203 29.41 2.29 23.69
CA SER A 203 29.88 3.66 23.52
C SER A 203 28.77 4.67 23.83
N THR A 204 27.52 4.25 23.63
CA THR A 204 26.38 5.12 23.87
C THR A 204 25.62 4.67 25.10
N LEU A 205 25.35 3.37 25.18
CA LEU A 205 24.52 2.82 26.24
C LEU A 205 25.17 2.96 27.63
N ASN A 206 24.35 3.35 28.60
CA ASN A 206 24.74 3.43 30.01
C ASN A 206 23.64 2.91 30.93
N GLN A 207 23.37 1.62 30.83
CA GLN A 207 22.27 1.00 31.56
C GLN A 207 22.71 0.38 32.90
N ARG A 208 21.78 0.36 33.85
CA ARG A 208 21.93 -0.44 35.06
C ARG A 208 20.55 -0.81 35.59
N LEU A 209 20.17 -2.07 35.40
CA LEU A 209 18.85 -2.54 35.79
C LEU A 209 18.92 -3.15 37.18
N VAL A 210 17.83 -3.02 37.93
CA VAL A 210 17.66 -3.76 39.18
C VAL A 210 16.31 -4.48 39.14
N PRO A 211 16.21 -5.66 39.78
CA PRO A 211 14.92 -6.34 39.77
C PRO A 211 13.89 -5.68 40.70
N ARG A 212 12.73 -5.38 40.15
CA ARG A 212 11.55 -4.99 40.91
C ARG A 212 10.75 -6.20 41.40
N ILE A 213 10.67 -6.35 42.72
CA ILE A 213 9.87 -7.40 43.32
C ILE A 213 8.45 -6.90 43.58
N ALA A 214 7.47 -7.73 43.21
CA ALA A 214 6.06 -7.47 43.49
C ALA A 214 5.25 -8.74 43.34
N THR A 215 4.05 -8.75 43.92
CA THR A 215 3.17 -9.90 43.85
C THR A 215 2.27 -9.70 42.64
N ARG A 216 2.32 -10.64 41.71
CA ARG A 216 1.65 -10.48 40.43
C ARG A 216 0.76 -11.67 40.13
N SER A 217 -0.33 -11.40 39.41
CA SER A 217 -1.21 -12.45 38.94
C SER A 217 -0.41 -13.38 38.04
N LYS A 218 -0.60 -14.68 38.19
CA LYS A 218 0.03 -15.64 37.29
C LYS A 218 -0.40 -15.35 35.86
N VAL A 219 0.56 -15.35 34.94
CA VAL A 219 0.27 -15.34 33.52
C VAL A 219 1.04 -16.51 32.91
N ASN A 220 0.33 -17.38 32.20
CA ASN A 220 0.94 -18.59 31.65
C ASN A 220 1.54 -19.44 32.77
N GLY A 221 0.89 -19.44 33.93
CA GLY A 221 1.32 -20.25 35.06
C GLY A 221 2.47 -19.69 35.90
N GLN A 222 2.90 -18.47 35.63
CA GLN A 222 3.99 -17.89 36.41
C GLN A 222 3.67 -16.46 36.82
N SER A 223 4.05 -16.11 38.05
CA SER A 223 3.88 -14.74 38.56
C SER A 223 5.16 -13.93 38.40
N GLY A 224 6.26 -14.61 38.06
CA GLY A 224 7.53 -13.93 37.80
C GLY A 224 7.54 -13.28 36.42
N ARG A 225 8.39 -12.27 36.25
CA ARG A 225 8.41 -11.48 35.00
C ARG A 225 9.80 -11.36 34.39
N MET A 226 9.83 -11.27 33.07
CA MET A 226 11.08 -11.08 32.33
C MET A 226 10.94 -9.81 31.49
N GLU A 227 11.80 -8.83 31.74
CA GLU A 227 11.82 -7.60 30.97
C GLU A 227 13.01 -7.63 30.02
N PHE A 228 12.75 -7.48 28.73
CA PHE A 228 13.79 -7.64 27.72
C PHE A 228 14.19 -6.31 27.12
N PHE A 229 15.50 -6.14 26.96
CA PHE A 229 16.08 -4.91 26.41
C PHE A 229 16.92 -5.22 25.19
N TRP A 230 17.18 -4.19 24.39
CA TRP A 230 17.98 -4.37 23.20
C TRP A 230 18.84 -3.15 22.93
N THR A 231 19.84 -3.33 22.07
CA THR A 231 20.57 -2.21 21.51
C THR A 231 21.10 -2.56 20.12
N ILE A 232 21.51 -1.56 19.37
CA ILE A 232 22.28 -1.80 18.16
C ILE A 232 23.73 -1.52 18.51
N LEU A 233 24.54 -2.56 18.44
CA LEU A 233 25.97 -2.42 18.66
C LEU A 233 26.60 -2.09 17.33
N LYS A 234 27.28 -0.95 17.26
CA LYS A 234 27.89 -0.51 16.02
C LYS A 234 29.12 -1.35 15.74
N PRO A 235 29.62 -1.34 14.50
CA PRO A 235 30.86 -2.07 14.22
C PRO A 235 32.03 -1.48 14.98
N ASN A 236 32.96 -2.33 15.41
CA ASN A 236 34.11 -1.92 16.21
C ASN A 236 33.77 -1.29 17.57
N ASP A 237 32.52 -1.41 17.99
CA ASP A 237 32.16 -1.06 19.36
C ASP A 237 32.04 -2.36 20.15
N ALA A 238 32.18 -2.25 21.47
CA ALA A 238 32.06 -3.40 22.35
C ALA A 238 30.92 -3.16 23.32
N ILE A 239 30.21 -4.23 23.67
CA ILE A 239 29.20 -4.18 24.74
C ILE A 239 29.75 -4.85 26.01
N ASN A 240 29.43 -4.29 27.17
CA ASN A 240 29.98 -4.78 28.44
C ASN A 240 28.90 -5.09 29.47
N PHE A 241 28.74 -6.37 29.79
CA PHE A 241 27.79 -6.80 30.80
C PHE A 241 28.49 -7.01 32.14
N GLU A 242 27.78 -6.68 33.22
CA GLU A 242 28.22 -7.03 34.56
C GLU A 242 27.01 -7.22 35.46
N SER A 243 26.91 -8.38 36.10
CA SER A 243 25.79 -8.65 36.99
C SER A 243 26.12 -9.64 38.10
N ASN A 244 25.40 -9.54 39.21
CA ASN A 244 25.53 -10.46 40.35
C ASN A 244 24.23 -11.22 40.64
N GLY A 245 23.40 -11.39 39.60
CA GLY A 245 22.12 -12.07 39.72
C GLY A 245 21.05 -11.50 38.79
N ASN A 246 20.05 -12.33 38.48
CA ASN A 246 18.88 -11.94 37.68
C ASN A 246 19.21 -11.60 36.23
N PHE A 247 20.37 -12.05 35.74
CA PHE A 247 20.83 -11.70 34.40
C PHE A 247 20.44 -12.77 33.39
N ILE A 248 19.73 -12.36 32.35
CA ILE A 248 19.40 -13.21 31.22
C ILE A 248 20.36 -12.79 30.12
N ALA A 249 21.34 -13.64 29.84
CA ALA A 249 22.46 -13.25 28.98
C ALA A 249 22.19 -13.54 27.50
N PRO A 250 22.80 -12.74 26.61
CA PRO A 250 22.75 -13.08 25.20
C PRO A 250 23.52 -14.37 24.90
N GLU A 251 22.94 -15.22 24.05
CA GLU A 251 23.64 -16.37 23.49
C GLU A 251 23.96 -15.99 22.04
N TYR A 252 22.89 -15.76 21.27
CA TYR A 252 22.98 -15.35 19.88
C TYR A 252 22.48 -13.92 19.74
N ALA A 253 23.10 -13.18 18.82
CA ALA A 253 22.65 -11.84 18.45
C ALA A 253 22.61 -11.74 16.93
N TYR A 254 21.67 -10.94 16.42
CA TYR A 254 21.38 -10.90 14.99
C TYR A 254 22.23 -9.87 14.25
N LYS A 255 22.82 -10.31 13.14
CA LYS A 255 23.61 -9.43 12.30
C LYS A 255 22.67 -8.82 11.24
N ILE A 256 22.81 -7.53 10.98
CA ILE A 256 21.94 -6.84 10.02
C ILE A 256 22.64 -6.75 8.68
N VAL A 257 22.35 -7.69 7.78
CA VAL A 257 23.11 -7.78 6.54
C VAL A 257 22.51 -6.91 5.43
N LYS A 258 21.19 -7.00 5.23
CA LYS A 258 20.50 -6.17 4.21
C LYS A 258 19.56 -5.19 4.88
N LYS A 259 19.76 -3.91 4.58
CA LYS A 259 18.81 -2.86 4.93
C LYS A 259 18.09 -2.42 3.66
N GLY A 260 16.82 -2.05 3.80
CA GLY A 260 16.05 -1.54 2.67
C GLY A 260 14.55 -1.54 2.93
N ASP A 261 13.79 -1.34 1.86
CA ASP A 261 12.35 -1.24 1.96
C ASP A 261 11.73 -2.53 2.44
N SER A 262 10.94 -2.43 3.50
CA SER A 262 10.16 -3.54 4.02
C SER A 262 9.01 -2.97 4.86
N THR A 263 8.19 -3.85 5.42
CA THR A 263 7.04 -3.43 6.21
C THR A 263 6.56 -4.59 7.05
N ILE A 264 5.99 -4.26 8.22
CA ILE A 264 5.27 -5.25 9.02
C ILE A 264 3.79 -5.11 8.69
N MET A 265 3.34 -6.00 7.82
CA MET A 265 1.95 -6.10 7.42
C MET A 265 1.16 -6.88 8.48
N LYS A 266 -0.07 -6.47 8.74
CA LYS A 266 -0.89 -7.11 9.75
C LYS A 266 -2.10 -7.78 9.11
N SER A 267 -2.07 -9.11 9.09
CA SER A 267 -3.07 -9.91 8.40
C SER A 267 -3.25 -11.26 9.09
N GLU A 268 -4.45 -11.81 9.05
CA GLU A 268 -4.70 -13.16 9.52
C GLU A 268 -4.37 -14.16 8.43
N LEU A 269 -4.23 -13.68 7.20
CA LEU A 269 -4.08 -14.57 6.05
C LEU A 269 -2.78 -15.34 6.07
N GLU A 270 -2.78 -16.46 5.34
CA GLU A 270 -1.61 -17.31 5.21
C GLU A 270 -1.03 -17.15 3.80
N TYR A 271 0.06 -17.87 3.52
CA TYR A 271 0.72 -17.83 2.23
C TYR A 271 -0.16 -18.38 1.11
N GLY A 272 -0.15 -17.71 -0.04
CA GLY A 272 -0.99 -18.12 -1.18
C GLY A 272 -0.28 -18.91 -2.28
N ASN A 273 1.04 -19.06 -2.18
CA ASN A 273 1.81 -19.73 -3.22
C ASN A 273 1.62 -19.03 -4.58
N CYS A 274 1.85 -17.72 -4.55
CA CYS A 274 1.65 -16.83 -5.68
C CYS A 274 2.74 -15.78 -5.64
N ASN A 275 2.78 -14.95 -6.68
CA ASN A 275 3.74 -13.85 -6.80
C ASN A 275 3.04 -12.57 -7.27
N THR A 276 3.56 -11.40 -6.88
CA THR A 276 2.95 -10.13 -7.28
C THR A 276 3.99 -9.00 -7.32
N LYS A 277 3.57 -7.85 -7.85
CA LYS A 277 4.38 -6.63 -7.82
C LYS A 277 3.84 -5.61 -6.83
N CYS A 278 2.72 -5.94 -6.20
CA CYS A 278 2.07 -5.03 -5.30
C CYS A 278 1.21 -5.83 -4.35
N GLN A 279 1.46 -5.70 -3.05
CA GLN A 279 0.78 -6.51 -2.05
C GLN A 279 0.02 -5.67 -1.05
N THR A 280 -1.16 -6.16 -0.67
CA THR A 280 -1.92 -5.59 0.44
C THR A 280 -2.24 -6.69 1.46
N PRO A 281 -2.56 -6.27 2.70
CA PRO A 281 -2.98 -7.19 3.78
C PRO A 281 -4.23 -8.04 3.47
N MET A 282 -4.97 -7.70 2.41
CA MET A 282 -6.15 -8.49 1.98
C MET A 282 -5.91 -9.37 0.76
N GLY A 283 -4.81 -9.14 0.06
CA GLY A 283 -4.53 -9.83 -1.19
C GLY A 283 -3.64 -8.98 -2.08
N ALA A 284 -3.13 -9.59 -3.16
CA ALA A 284 -2.25 -8.88 -4.09
C ALA A 284 -3.01 -8.19 -5.22
N ILE A 285 -2.31 -7.28 -5.89
CA ILE A 285 -2.89 -6.42 -6.92
C ILE A 285 -2.11 -6.53 -8.22
N ASN A 286 -2.84 -6.69 -9.32
CA ASN A 286 -2.25 -6.68 -10.63
C ASN A 286 -3.13 -5.86 -11.55
N SER A 287 -2.73 -4.61 -11.79
CA SER A 287 -3.44 -3.77 -12.75
C SER A 287 -2.62 -2.62 -13.27
N SER A 288 -3.10 -2.03 -14.36
CA SER A 288 -2.51 -0.84 -14.92
C SER A 288 -3.23 0.44 -14.44
N MET A 289 -4.27 0.27 -13.63
CA MET A 289 -5.06 1.41 -13.17
C MET A 289 -4.22 2.35 -12.31
N PRO A 290 -4.49 3.67 -12.39
CA PRO A 290 -3.77 4.60 -11.53
C PRO A 290 -4.23 4.61 -10.08
N PHE A 291 -5.42 4.06 -9.82
CA PHE A 291 -5.99 4.03 -8.48
C PHE A 291 -6.52 2.66 -8.14
N HIS A 292 -6.62 2.39 -6.84
CA HIS A 292 -7.36 1.22 -6.33
C HIS A 292 -8.01 1.58 -4.99
N ASN A 293 -8.86 0.70 -4.49
CA ASN A 293 -9.54 0.93 -3.21
C ASN A 293 -9.54 -0.29 -2.31
N ILE A 294 -8.47 -1.07 -2.38
CA ILE A 294 -8.41 -2.36 -1.68
C ILE A 294 -8.09 -2.17 -0.21
N HIS A 295 -7.02 -1.44 0.07
CA HIS A 295 -6.53 -1.25 1.43
C HIS A 295 -5.37 -0.23 1.39
N PRO A 296 -5.33 0.71 2.35
CA PRO A 296 -4.32 1.78 2.28
C PRO A 296 -2.87 1.32 2.43
N LEU A 297 -2.62 0.44 3.39
CA LEU A 297 -1.26 -0.05 3.63
C LEU A 297 -0.85 -1.07 2.57
N THR A 298 -0.02 -0.64 1.62
CA THR A 298 0.51 -1.56 0.63
C THR A 298 2.02 -1.47 0.57
N ILE A 299 2.61 -2.43 -0.12
CA ILE A 299 4.05 -2.48 -0.32
C ILE A 299 4.22 -2.83 -1.79
N GLY A 300 5.21 -2.20 -2.43
CA GLY A 300 5.54 -2.47 -3.83
C GLY A 300 5.15 -1.33 -4.76
N GLU A 301 5.22 -1.60 -6.05
CA GLU A 301 4.81 -0.63 -7.08
C GLU A 301 3.31 -0.72 -7.27
N CYS A 302 2.59 0.18 -6.62
CA CYS A 302 1.12 0.12 -6.56
C CYS A 302 0.44 1.37 -7.07
N PRO A 303 -0.83 1.23 -7.51
CA PRO A 303 -1.66 2.39 -7.70
C PRO A 303 -1.95 3.11 -6.37
N LYS A 304 -2.45 4.34 -6.46
CA LYS A 304 -2.73 5.13 -5.27
C LYS A 304 -4.08 4.76 -4.66
N TYR A 305 -4.08 4.61 -3.35
CA TYR A 305 -5.29 4.20 -2.66
C TYR A 305 -6.26 5.36 -2.55
N VAL A 306 -7.52 5.08 -2.88
CA VAL A 306 -8.61 6.01 -2.60
C VAL A 306 -9.78 5.26 -2.00
N LYS A 307 -10.57 5.95 -1.18
CA LYS A 307 -11.79 5.39 -0.59
C LYS A 307 -12.99 5.34 -1.57
N SER A 308 -12.77 5.69 -2.83
CA SER A 308 -13.84 5.71 -3.81
C SER A 308 -14.38 4.31 -4.10
N ASN A 309 -15.69 4.21 -4.31
CA ASN A 309 -16.28 2.99 -4.85
C ASN A 309 -16.23 2.96 -6.37
N ARG A 310 -16.31 4.15 -6.98
CA ARG A 310 -16.34 4.28 -8.44
C ARG A 310 -15.53 5.49 -8.93
N LEU A 311 -14.61 5.27 -9.86
CA LEU A 311 -13.96 6.38 -10.59
C LEU A 311 -13.96 6.08 -12.08
N VAL A 312 -14.80 6.79 -12.84
CA VAL A 312 -14.93 6.53 -14.27
C VAL A 312 -14.89 7.83 -15.02
N LEU A 313 -13.96 7.95 -15.96
CA LEU A 313 -13.79 9.14 -16.77
C LEU A 313 -14.51 9.01 -18.09
N ALA A 314 -15.29 10.02 -18.45
CA ALA A 314 -15.80 10.11 -19.83
C ALA A 314 -14.66 10.38 -20.79
N THR A 315 -14.63 9.61 -21.87
CA THR A 315 -13.76 9.91 -23.02
C THR A 315 -14.63 10.26 -24.21
N GLY A 316 -15.64 9.45 -24.48
CA GLY A 316 -16.57 9.71 -25.56
C GLY A 316 -17.60 10.77 -25.20
N LEU A 317 -18.63 10.85 -26.04
CA LEU A 317 -19.66 11.85 -25.86
C LEU A 317 -20.93 11.21 -25.36
N ARG A 318 -21.89 12.08 -25.06
CA ARG A 318 -23.18 11.69 -24.55
C ARG A 318 -23.88 10.83 -25.59
N ASN A 319 -24.11 9.57 -25.22
CA ASN A 319 -24.71 8.59 -26.09
C ASN A 319 -26.23 8.67 -26.12
N SER A 320 -26.80 8.48 -27.30
CA SER A 320 -28.22 8.70 -27.55
C SER A 320 -29.08 7.44 -27.32
N PRO A 321 -30.36 7.63 -26.90
CA PRO A 321 -31.35 6.55 -26.76
C PRO A 321 -31.47 5.63 -27.98
N GLY B 1 -26.44 20.48 -23.38
CA GLY B 1 -25.03 20.88 -23.12
C GLY B 1 -24.79 22.36 -23.36
N LEU B 2 -23.60 22.84 -22.98
CA LEU B 2 -23.30 24.26 -23.02
C LEU B 2 -23.38 24.87 -24.42
N PHE B 3 -23.07 24.08 -25.44
CA PHE B 3 -22.90 24.61 -26.78
C PHE B 3 -24.11 24.41 -27.68
N GLY B 4 -25.10 23.68 -27.18
CA GLY B 4 -26.39 23.56 -27.84
C GLY B 4 -26.49 22.61 -29.02
N ALA B 5 -25.41 21.91 -29.34
CA ALA B 5 -25.42 21.07 -30.55
C ALA B 5 -25.88 19.67 -30.20
N ILE B 6 -25.08 18.97 -29.40
CA ILE B 6 -25.36 17.59 -29.01
C ILE B 6 -26.62 17.52 -28.16
N ALA B 7 -27.55 16.65 -28.57
CA ALA B 7 -28.85 16.54 -27.93
C ALA B 7 -29.47 17.92 -27.79
N GLY B 8 -29.30 18.73 -28.83
CA GLY B 8 -29.75 20.11 -28.84
C GLY B 8 -30.48 20.36 -30.13
N PHE B 9 -29.95 21.23 -31.00
CA PHE B 9 -30.54 21.41 -32.31
C PHE B 9 -30.25 20.17 -33.15
N ILE B 10 -29.14 19.49 -32.90
CA ILE B 10 -28.94 18.15 -33.46
C ILE B 10 -29.43 17.17 -32.43
N GLU B 11 -30.58 16.57 -32.72
CA GLU B 11 -31.34 15.85 -31.70
C GLU B 11 -30.68 14.59 -31.17
N GLY B 12 -29.96 13.88 -32.02
CA GLY B 12 -29.38 12.59 -31.65
C GLY B 12 -28.16 12.16 -32.46
N GLY B 13 -27.40 11.24 -31.89
CA GLY B 13 -26.23 10.71 -32.56
C GLY B 13 -26.59 9.70 -33.65
N TRP B 14 -25.58 9.24 -34.36
CA TRP B 14 -25.75 8.36 -35.50
C TRP B 14 -25.10 7.02 -35.24
N GLN B 15 -25.91 5.98 -35.08
CA GLN B 15 -25.36 4.61 -35.00
C GLN B 15 -24.59 4.27 -36.28
N GLY B 16 -24.99 4.88 -37.40
CA GLY B 16 -24.37 4.61 -38.71
C GLY B 16 -23.00 5.21 -38.97
N MET B 17 -22.51 6.07 -38.08
CA MET B 17 -21.17 6.63 -38.26
C MET B 17 -20.16 6.03 -37.29
N VAL B 18 -19.40 5.05 -37.77
CA VAL B 18 -18.48 4.29 -36.92
C VAL B 18 -17.01 4.68 -37.09
N ASP B 19 -16.70 5.38 -38.17
CA ASP B 19 -15.33 5.76 -38.45
C ASP B 19 -14.85 7.03 -37.70
N GLY B 20 -15.71 7.63 -36.87
CA GLY B 20 -15.30 8.84 -36.13
C GLY B 20 -16.30 9.35 -35.11
N TRP B 21 -15.95 10.42 -34.41
CA TRP B 21 -16.87 11.00 -33.42
C TRP B 21 -17.80 12.03 -34.04
N TYR B 22 -17.29 12.76 -35.02
CA TYR B 22 -18.06 13.80 -35.70
C TYR B 22 -17.90 13.64 -37.19
N GLY B 23 -18.94 13.95 -37.93
CA GLY B 23 -18.84 13.91 -39.38
C GLY B 23 -20.07 14.39 -40.08
N TYR B 24 -20.18 14.02 -41.35
CA TYR B 24 -21.25 14.48 -42.24
C TYR B 24 -22.11 13.32 -42.72
N HIS B 25 -23.40 13.57 -42.89
CA HIS B 25 -24.26 12.64 -43.62
C HIS B 25 -24.86 13.35 -44.80
N HIS B 26 -24.62 12.82 -45.99
CA HIS B 26 -25.11 13.42 -47.22
C HIS B 26 -26.25 12.59 -47.79
N SER B 27 -27.12 13.22 -48.57
CA SER B 27 -28.12 12.48 -49.34
C SER B 27 -28.54 13.24 -50.61
N ASN B 28 -28.39 12.56 -51.75
CA ASN B 28 -28.66 13.16 -53.06
C ASN B 28 -29.19 12.12 -54.03
N GLU B 29 -29.27 12.44 -55.32
CA GLU B 29 -29.86 11.52 -56.29
C GLU B 29 -29.11 10.19 -56.39
N GLN B 30 -27.82 10.20 -56.11
CA GLN B 30 -26.96 9.05 -56.34
C GLN B 30 -26.74 8.19 -55.08
N GLY B 31 -27.48 8.48 -54.01
CA GLY B 31 -27.34 7.78 -52.75
C GLY B 31 -26.97 8.66 -51.57
N SER B 32 -26.84 8.04 -50.40
CA SER B 32 -26.59 8.74 -49.16
C SER B 32 -25.58 7.99 -48.34
N GLY B 33 -24.93 8.66 -47.39
CA GLY B 33 -23.96 8.00 -46.51
C GLY B 33 -23.30 8.83 -45.44
N TYR B 34 -22.55 8.15 -44.57
CA TYR B 34 -21.85 8.80 -43.48
C TYR B 34 -20.38 8.96 -43.82
N ALA B 35 -19.80 10.07 -43.41
CA ALA B 35 -18.38 10.31 -43.58
C ALA B 35 -17.84 11.06 -42.36
N ALA B 36 -16.91 10.45 -41.65
CA ALA B 36 -16.32 11.09 -40.49
C ALA B 36 -15.39 12.21 -40.92
N ASP B 37 -15.41 13.30 -40.15
CA ASP B 37 -14.45 14.39 -40.27
C ASP B 37 -13.24 14.04 -39.42
N LYS B 38 -12.13 13.70 -40.09
CA LYS B 38 -10.92 13.22 -39.40
C LYS B 38 -10.26 14.28 -38.53
N GLU B 39 -10.19 15.51 -39.05
CA GLU B 39 -9.52 16.63 -38.39
C GLU B 39 -10.12 16.91 -37.01
N SER B 40 -11.41 17.16 -36.96
CA SER B 40 -12.06 17.43 -35.68
C SER B 40 -11.95 16.21 -34.79
N THR B 41 -12.15 15.02 -35.35
CA THR B 41 -12.11 13.79 -34.55
C THR B 41 -10.74 13.61 -33.89
N GLN B 42 -9.68 13.72 -34.68
CA GLN B 42 -8.33 13.53 -34.16
C GLN B 42 -8.00 14.56 -33.11
N LYS B 43 -8.42 15.80 -33.34
CA LYS B 43 -8.29 16.86 -32.33
C LYS B 43 -8.90 16.44 -31.01
N ALA B 44 -10.08 15.81 -31.08
CA ALA B 44 -10.77 15.35 -29.87
C ALA B 44 -10.05 14.20 -29.21
N ILE B 45 -9.56 13.26 -30.00
CA ILE B 45 -8.84 12.12 -29.43
C ILE B 45 -7.59 12.61 -28.71
N ASP B 46 -6.92 13.61 -29.27
CA ASP B 46 -5.73 14.17 -28.63
C ASP B 46 -6.09 14.91 -27.35
N GLY B 47 -7.11 15.74 -27.42
CA GLY B 47 -7.56 16.46 -26.23
C GLY B 47 -7.84 15.55 -25.06
N VAL B 48 -8.60 14.49 -25.30
CA VAL B 48 -9.07 13.62 -24.24
C VAL B 48 -7.95 12.71 -23.74
N THR B 49 -7.09 12.24 -24.63
CA THR B 49 -5.96 11.44 -24.22
C THR B 49 -5.12 12.25 -23.23
N ASN B 50 -4.69 13.44 -23.66
CA ASN B 50 -3.87 14.30 -22.81
C ASN B 50 -4.50 14.53 -21.44
N LYS B 51 -5.80 14.77 -21.46
CA LYS B 51 -6.61 14.93 -20.25
C LYS B 51 -6.46 13.74 -19.29
N VAL B 52 -6.72 12.55 -19.81
CA VAL B 52 -6.62 11.33 -19.02
C VAL B 52 -5.21 11.19 -18.46
N ASN B 53 -4.20 11.38 -19.31
CA ASN B 53 -2.81 11.34 -18.83
C ASN B 53 -2.49 12.44 -17.83
N SER B 54 -2.97 13.65 -18.10
CA SER B 54 -2.79 14.78 -17.17
C SER B 54 -3.35 14.48 -15.80
N ILE B 55 -4.55 13.89 -15.78
CA ILE B 55 -5.20 13.47 -14.55
C ILE B 55 -4.43 12.37 -13.83
N ILE B 56 -4.05 11.33 -14.57
CA ILE B 56 -3.27 10.26 -13.99
C ILE B 56 -1.97 10.78 -13.37
N ASP B 57 -1.28 11.70 -14.05
CA ASP B 57 0.03 12.18 -13.56
C ASP B 57 -0.06 13.10 -12.35
N LYS B 58 -1.03 14.02 -12.35
CA LYS B 58 -1.22 14.89 -11.19
C LYS B 58 -1.47 14.12 -9.90
N MET B 59 -2.18 12.99 -10.02
CA MET B 59 -2.47 12.13 -8.88
C MET B 59 -1.28 11.23 -8.51
N ASN B 60 -0.36 11.03 -9.45
CA ASN B 60 0.90 10.28 -9.25
C ASN B 60 1.55 10.42 -7.86
N THR B 61 1.91 11.66 -7.50
CA THR B 61 2.49 11.92 -6.18
C THR B 61 1.34 12.24 -5.24
N GLN B 62 1.08 11.32 -4.32
CA GLN B 62 -0.05 11.41 -3.40
C GLN B 62 0.28 10.64 -2.12
N PHE B 63 -0.39 10.99 -1.03
CA PHE B 63 -0.07 10.40 0.28
C PHE B 63 -0.06 8.86 0.29
N GLU B 64 0.89 8.31 1.06
CA GLU B 64 1.05 6.86 1.23
C GLU B 64 1.17 6.56 2.72
N ALA B 65 0.35 5.64 3.19
CA ALA B 65 0.34 5.29 4.61
C ALA B 65 1.41 4.24 4.92
N VAL B 66 1.94 4.32 6.13
CA VAL B 66 2.93 3.37 6.65
C VAL B 66 2.40 2.80 7.95
N GLY B 67 2.77 1.55 8.24
CA GLY B 67 2.43 0.92 9.51
C GLY B 67 3.31 1.45 10.63
N ARG B 68 2.68 1.95 11.68
CA ARG B 68 3.39 2.44 12.85
C ARG B 68 2.62 1.94 14.05
N GLU B 69 3.35 1.49 15.07
CA GLU B 69 2.72 0.79 16.18
C GLU B 69 2.99 1.51 17.47
N PHE B 70 2.04 1.44 18.38
CA PHE B 70 2.08 2.20 19.62
C PHE B 70 1.60 1.36 20.79
N ASN B 71 2.29 1.43 21.92
CA ASN B 71 1.91 0.62 23.09
C ASN B 71 0.66 1.15 23.78
N ASN B 72 0.31 0.58 24.93
CA ASN B 72 -0.95 0.91 25.61
C ASN B 72 -1.02 2.30 26.27
N LEU B 73 0.13 2.93 26.51
CA LEU B 73 0.17 4.26 27.10
C LEU B 73 0.75 5.26 26.10
N GLU B 74 0.44 5.04 24.82
CA GLU B 74 0.71 6.00 23.76
C GLU B 74 -0.55 6.18 22.91
N ARG B 75 -1.71 6.29 23.57
CA ARG B 75 -2.98 6.37 22.88
C ARG B 75 -3.16 7.69 22.17
N ARG B 76 -2.64 8.75 22.75
CA ARG B 76 -2.74 10.06 22.11
C ARG B 76 -2.05 10.05 20.76
N ILE B 77 -0.79 9.60 20.70
CA ILE B 77 -0.08 9.61 19.43
C ILE B 77 -0.62 8.55 18.47
N GLU B 78 -1.06 7.41 18.98
CA GLU B 78 -1.71 6.42 18.13
C GLU B 78 -2.88 7.11 17.44
N ASN B 79 -3.66 7.85 18.21
CA ASN B 79 -4.83 8.52 17.68
C ASN B 79 -4.43 9.59 16.68
N LEU B 80 -3.40 10.33 17.03
CA LEU B 80 -2.90 11.40 16.18
C LEU B 80 -2.46 10.82 14.87
N ASN B 81 -1.73 9.72 14.94
CA ASN B 81 -1.26 9.05 13.75
C ASN B 81 -2.40 8.57 12.85
N LYS B 82 -3.46 8.05 13.45
CA LYS B 82 -4.63 7.55 12.73
C LYS B 82 -5.33 8.70 12.03
N LYS B 83 -5.51 9.80 12.74
CA LYS B 83 -6.19 10.98 12.18
C LYS B 83 -5.43 11.56 11.02
N MET B 84 -4.11 11.60 11.17
CA MET B 84 -3.25 12.08 10.13
C MET B 84 -3.42 11.24 8.87
N GLU B 85 -3.40 9.92 9.01
CA GLU B 85 -3.48 9.02 7.86
C GLU B 85 -4.86 9.10 7.23
N ASP B 86 -5.89 9.02 8.07
CA ASP B 86 -7.26 9.18 7.62
C ASP B 86 -7.50 10.51 6.96
N GLY B 87 -6.93 11.56 7.53
CA GLY B 87 -7.09 12.91 6.99
C GLY B 87 -6.60 13.02 5.57
N PHE B 88 -5.42 12.49 5.30
CA PHE B 88 -4.87 12.57 3.96
C PHE B 88 -5.65 11.71 2.97
N LEU B 89 -6.09 10.53 3.38
CA LEU B 89 -6.91 9.70 2.49
C LEU B 89 -8.17 10.44 2.07
N ASP B 90 -8.87 11.02 3.04
CA ASP B 90 -10.03 11.83 2.76
C ASP B 90 -9.75 12.98 1.78
N VAL B 91 -8.65 13.69 2.01
CA VAL B 91 -8.25 14.79 1.11
C VAL B 91 -7.99 14.28 -0.30
N TRP B 92 -7.25 13.19 -0.45
CA TRP B 92 -6.96 12.67 -1.77
C TRP B 92 -8.15 11.97 -2.42
N THR B 93 -9.06 11.44 -1.62
CA THR B 93 -10.25 10.83 -2.17
C THR B 93 -11.08 11.93 -2.79
N TYR B 94 -11.20 13.04 -2.05
CA TYR B 94 -11.97 14.21 -2.48
C TYR B 94 -11.38 14.78 -3.75
N ASN B 95 -10.08 15.02 -3.74
CA ASN B 95 -9.38 15.47 -4.95
C ASN B 95 -9.70 14.61 -6.17
N ALA B 96 -9.66 13.28 -6.01
CA ALA B 96 -9.92 12.37 -7.14
C ALA B 96 -11.36 12.45 -7.64
N GLU B 97 -12.34 12.43 -6.73
CA GLU B 97 -13.72 12.38 -7.15
C GLU B 97 -14.16 13.72 -7.76
N LEU B 98 -13.65 14.81 -7.22
CA LEU B 98 -13.98 16.12 -7.75
C LEU B 98 -13.39 16.27 -9.13
N LEU B 99 -12.13 15.89 -9.28
CA LEU B 99 -11.45 16.07 -10.55
C LEU B 99 -12.23 15.33 -11.63
N VAL B 100 -12.59 14.09 -11.34
CA VAL B 100 -13.32 13.26 -12.27
C VAL B 100 -14.66 13.92 -12.62
N LEU B 101 -15.45 14.28 -11.60
CA LEU B 101 -16.70 15.02 -11.79
C LEU B 101 -16.55 16.26 -12.67
N MET B 102 -15.62 17.14 -12.31
CA MET B 102 -15.42 18.41 -13.01
C MET B 102 -14.98 18.16 -14.45
N GLU B 103 -14.01 17.28 -14.63
CA GLU B 103 -13.46 17.08 -15.97
C GLU B 103 -14.41 16.29 -16.85
N ASN B 104 -15.11 15.30 -16.28
CA ASN B 104 -16.16 14.64 -17.02
C ASN B 104 -17.12 15.65 -17.63
N GLU B 105 -17.55 16.63 -16.83
CA GLU B 105 -18.44 17.67 -17.34
C GLU B 105 -17.76 18.48 -18.42
N ARG B 106 -16.50 18.80 -18.22
CA ARG B 106 -15.77 19.51 -19.27
C ARG B 106 -15.62 18.68 -20.55
N THR B 107 -15.49 17.37 -20.42
CA THR B 107 -15.30 16.50 -21.59
C THR B 107 -16.56 16.47 -22.44
N LEU B 108 -17.71 16.32 -21.82
CA LEU B 108 -18.94 16.29 -22.58
C LEU B 108 -19.15 17.61 -23.34
N ASP B 109 -19.07 18.73 -22.62
CA ASP B 109 -19.14 20.04 -23.27
C ASP B 109 -18.08 20.22 -24.38
N PHE B 110 -16.88 19.70 -24.20
CA PHE B 110 -15.84 19.75 -25.23
C PHE B 110 -16.31 19.12 -26.54
N HIS B 111 -16.88 17.91 -26.46
CA HIS B 111 -17.47 17.24 -27.61
C HIS B 111 -18.58 18.06 -28.26
N ASP B 112 -19.43 18.66 -27.43
CA ASP B 112 -20.52 19.52 -27.87
C ASP B 112 -19.96 20.72 -28.66
N SER B 113 -18.97 21.40 -28.08
CA SER B 113 -18.26 22.47 -28.73
C SER B 113 -17.67 22.05 -30.09
N ASN B 114 -17.05 20.87 -30.17
CA ASN B 114 -16.48 20.43 -31.45
C ASN B 114 -17.55 20.19 -32.51
N VAL B 115 -18.72 19.68 -32.10
CA VAL B 115 -19.81 19.45 -33.06
C VAL B 115 -20.29 20.79 -33.59
N LYS B 116 -20.51 21.74 -32.68
CA LYS B 116 -21.00 23.06 -33.07
C LYS B 116 -20.02 23.78 -33.99
N ASN B 117 -18.75 23.69 -33.67
CA ASN B 117 -17.75 24.37 -34.44
C ASN B 117 -17.68 23.82 -35.85
N LEU B 118 -17.83 22.51 -35.96
CA LEU B 118 -17.88 21.85 -37.26
C LEU B 118 -19.11 22.31 -38.02
N TYR B 119 -20.23 22.41 -37.32
CA TYR B 119 -21.45 22.86 -37.95
C TYR B 119 -21.28 24.28 -38.45
N ASP B 120 -20.74 25.15 -37.61
CA ASP B 120 -20.54 26.54 -38.02
C ASP B 120 -19.59 26.60 -39.21
N LYS B 121 -18.51 25.84 -39.15
CA LYS B 121 -17.57 25.75 -40.26
C LYS B 121 -18.26 25.49 -41.58
N VAL B 122 -19.20 24.54 -41.59
CA VAL B 122 -19.94 24.22 -42.81
C VAL B 122 -20.90 25.34 -43.16
N ARG B 123 -21.65 25.79 -42.17
CA ARG B 123 -22.59 26.89 -42.37
C ARG B 123 -21.91 28.08 -43.05
N LEU B 124 -20.72 28.45 -42.56
CA LEU B 124 -20.01 29.62 -43.09
C LEU B 124 -19.53 29.47 -44.53
N GLN B 125 -19.41 28.23 -45.01
CA GLN B 125 -19.05 27.99 -46.40
C GLN B 125 -20.24 28.12 -47.29
N LEU B 126 -21.32 27.44 -46.92
CA LEU B 126 -22.50 27.42 -47.75
C LEU B 126 -23.10 28.80 -47.84
N ARG B 127 -23.17 29.52 -46.73
CA ARG B 127 -23.75 30.87 -46.73
C ARG B 127 -25.19 30.84 -47.26
N ASP B 128 -25.56 31.73 -48.17
CA ASP B 128 -26.92 31.76 -48.68
C ASP B 128 -27.17 30.77 -49.83
N ASN B 129 -26.22 29.87 -50.11
CA ASN B 129 -26.39 28.85 -51.15
C ASN B 129 -27.14 27.56 -50.73
N ALA B 130 -27.59 27.53 -49.47
CA ALA B 130 -28.33 26.39 -48.92
C ALA B 130 -29.28 26.86 -47.82
N LYS B 131 -30.37 26.13 -47.58
CA LYS B 131 -31.31 26.44 -46.48
C LYS B 131 -30.86 25.77 -45.17
N GLU B 132 -30.77 26.55 -44.10
CA GLU B 132 -30.48 26.00 -42.79
C GLU B 132 -31.77 25.40 -42.22
N LEU B 133 -31.84 24.08 -42.13
CA LEU B 133 -33.09 23.40 -41.77
C LEU B 133 -33.47 23.50 -40.29
N GLY B 134 -32.49 23.70 -39.42
CA GLY B 134 -32.73 23.82 -37.98
C GLY B 134 -32.38 22.58 -37.17
N ASN B 135 -31.83 21.58 -37.84
CA ASN B 135 -31.59 20.25 -37.25
C ASN B 135 -30.19 19.70 -37.53
N GLY B 136 -29.33 20.51 -38.11
CA GLY B 136 -27.98 20.08 -38.41
C GLY B 136 -27.78 19.89 -39.88
N CYS B 137 -28.88 20.01 -40.64
CA CYS B 137 -28.85 19.78 -42.06
C CYS B 137 -28.95 21.07 -42.86
N PHE B 138 -28.34 21.06 -44.03
CA PHE B 138 -28.47 22.12 -44.99
C PHE B 138 -29.02 21.54 -46.26
N GLU B 139 -30.13 22.09 -46.73
CA GLU B 139 -30.75 21.67 -47.97
C GLU B 139 -30.31 22.61 -49.07
N PHE B 140 -29.67 22.06 -50.10
CA PHE B 140 -29.04 22.87 -51.15
C PHE B 140 -30.04 23.44 -52.13
N TYR B 141 -29.76 24.63 -52.64
CA TYR B 141 -30.58 25.20 -53.72
C TYR B 141 -30.22 24.63 -55.07
N HIS B 142 -29.03 24.03 -55.17
CA HIS B 142 -28.57 23.46 -56.42
C HIS B 142 -28.35 21.98 -56.22
N LYS B 143 -28.40 21.23 -57.31
CA LYS B 143 -28.08 19.81 -57.24
C LYS B 143 -26.65 19.72 -56.72
N CYS B 144 -26.38 18.75 -55.85
CA CYS B 144 -25.08 18.63 -55.21
C CYS B 144 -24.71 17.16 -55.23
N ASP B 145 -23.97 16.76 -56.25
CA ASP B 145 -23.55 15.37 -56.43
C ASP B 145 -22.43 15.03 -55.42
N ASN B 146 -21.81 13.86 -55.55
CA ASN B 146 -20.78 13.43 -54.63
C ASN B 146 -19.54 14.32 -54.67
N GLU B 147 -19.19 14.80 -55.86
CA GLU B 147 -18.14 15.80 -56.01
C GLU B 147 -18.44 17.05 -55.19
N CYS B 148 -19.67 17.52 -55.28
CA CYS B 148 -20.13 18.70 -54.60
C CYS B 148 -20.14 18.48 -53.09
N MET B 149 -20.63 17.32 -52.66
CA MET B 149 -20.65 16.98 -51.26
C MET B 149 -19.23 16.90 -50.75
N GLU B 150 -18.35 16.30 -51.55
CA GLU B 150 -16.96 16.16 -51.16
C GLU B 150 -16.29 17.51 -50.92
N SER B 151 -16.66 18.52 -51.72
CA SER B 151 -16.06 19.83 -51.61
C SER B 151 -16.48 20.53 -50.32
N VAL B 152 -17.67 20.21 -49.83
CA VAL B 152 -18.14 20.74 -48.56
C VAL B 152 -17.32 20.14 -47.43
N ARG B 153 -17.09 18.83 -47.46
CA ARG B 153 -16.25 18.19 -46.45
C ARG B 153 -14.79 18.61 -46.61
N ASN B 154 -14.37 18.85 -47.86
CA ASN B 154 -13.04 19.38 -48.18
C ASN B 154 -12.69 20.68 -47.47
N GLY B 155 -13.67 21.57 -47.35
CA GLY B 155 -13.44 22.97 -47.03
C GLY B 155 -13.41 23.80 -48.30
N THR B 156 -13.74 23.18 -49.42
CA THR B 156 -13.44 23.67 -50.76
C THR B 156 -14.69 24.12 -51.52
N TYR B 157 -15.84 24.07 -50.86
CA TYR B 157 -17.10 24.34 -51.54
C TYR B 157 -17.06 25.68 -52.25
N ASP B 158 -17.08 25.65 -53.59
CA ASP B 158 -16.92 26.87 -54.35
C ASP B 158 -18.25 27.62 -54.42
N TYR B 159 -18.36 28.62 -53.56
CA TYR B 159 -19.57 29.39 -53.40
C TYR B 159 -19.92 30.22 -54.65
N PRO B 160 -18.94 30.95 -55.22
CA PRO B 160 -19.23 31.68 -56.48
C PRO B 160 -19.66 30.81 -57.67
N GLN B 161 -19.30 29.53 -57.66
CA GLN B 161 -19.72 28.61 -58.73
C GLN B 161 -21.24 28.39 -58.68
N TYR B 162 -21.76 28.11 -57.49
CA TYR B 162 -23.19 27.88 -57.33
C TYR B 162 -23.85 29.15 -56.77
#